data_8A0T
#
_entry.id   8A0T
#
_cell.length_a   59.433
_cell.length_b   67.724
_cell.length_c   78.914
_cell.angle_alpha   90.00
_cell.angle_beta   90.00
_cell.angle_gamma   90.00
#
_symmetry.space_group_name_H-M   'P 21 21 21'
#
loop_
_entity.id
_entity.type
_entity.pdbx_description
1 polymer '7,8-dihydro-8-oxoguanine triphosphatase'
2 non-polymer 5-(phenylmethyl)pyrimidine-2,4-diol
3 non-polymer GLYCEROL
4 non-polymer 'SULFATE ION'
5 non-polymer 'ACETATE ION'
6 water water
#
_entity_poly.entity_id   1
_entity_poly.type   'polypeptide(L)'
_entity_poly.pdbx_seq_one_letter_code
;GSHMGASRLYTLVLVLQPQRVLLGMKKRGFGAGRWNGFGGKVQEGETIEDGARRELQEESGLTVDALHKVGQIVFEFVGE
PELMDVHVFCTDSIQGTPVESDEMRPCWFQLDQIPFKDMWPDDSYWFPLLLQKKKFHGYFKFQGQDTILDYTLREVDTV
;
_entity_poly.pdbx_strand_id   A,B
#
# COMPACT_ATOMS: atom_id res chain seq x y z
N ALA A 6 12.48 16.45 -6.68
CA ALA A 6 11.24 17.25 -6.83
C ALA A 6 10.14 16.48 -7.56
N SER A 7 8.93 17.00 -7.43
CA SER A 7 7.76 16.46 -8.08
C SER A 7 7.04 17.57 -8.81
N ARG A 8 6.16 17.18 -9.73
CA ARG A 8 5.36 18.07 -10.54
C ARG A 8 3.93 17.85 -10.10
N LEU A 9 3.20 18.93 -9.83
CA LEU A 9 1.82 18.85 -9.36
C LEU A 9 0.86 18.58 -10.52
N TYR A 10 -0.03 17.61 -10.30
CA TYR A 10 -1.14 17.32 -11.21
C TYR A 10 -2.45 17.24 -10.45
N THR A 11 -3.54 17.32 -11.19
CA THR A 11 -4.90 17.20 -10.65
C THR A 11 -5.62 16.07 -11.38
N LEU A 12 -6.53 15.43 -10.64
CA LEU A 12 -7.42 14.43 -11.21
C LEU A 12 -8.78 14.57 -10.54
N VAL A 13 -9.80 14.73 -11.35
CA VAL A 13 -11.15 15.02 -10.83
C VAL A 13 -12.12 13.97 -11.31
N LEU A 14 -12.83 13.39 -10.34
CA LEU A 14 -13.87 12.41 -10.59
C LEU A 14 -15.21 12.96 -10.14
N VAL A 15 -16.15 13.00 -11.07
CA VAL A 15 -17.53 13.37 -10.77
C VAL A 15 -18.26 12.07 -10.45
N LEU A 16 -18.52 11.85 -9.16
CA LEU A 16 -19.07 10.61 -8.67
C LEU A 16 -20.43 10.90 -8.06
N GLN A 17 -21.48 10.37 -8.69
CA GLN A 17 -22.86 10.59 -8.29
C GLN A 17 -23.35 9.26 -7.72
N PRO A 18 -24.56 9.21 -7.13
CA PRO A 18 -25.00 7.97 -6.46
C PRO A 18 -24.92 6.69 -7.31
N GLN A 19 -25.30 6.76 -8.58
CA GLN A 19 -25.36 5.57 -9.44
C GLN A 19 -24.45 5.64 -10.68
N ARG A 20 -23.55 6.61 -10.73
CA ARG A 20 -22.72 6.77 -11.91
C ARG A 20 -21.48 7.61 -11.66
N VAL A 21 -20.48 7.40 -12.53
CA VAL A 21 -19.24 8.14 -12.52
C VAL A 21 -18.97 8.67 -13.93
N LEU A 22 -18.50 9.91 -14.02
CA LEU A 22 -18.14 10.53 -15.28
C LEU A 22 -16.68 10.25 -15.56
N LEU A 23 -16.38 9.74 -16.75
CA LEU A 23 -15.00 9.62 -17.22
C LEU A 23 -14.91 10.21 -18.62
N GLY A 24 -13.69 10.52 -19.04
CA GLY A 24 -13.44 11.04 -20.36
C GLY A 24 -12.47 10.17 -21.11
N MET A 25 -12.75 9.91 -22.38
CA MET A 25 -11.82 9.20 -23.25
C MET A 25 -10.79 10.22 -23.73
N LYS A 26 -9.54 10.07 -23.31
CA LYS A 26 -8.49 10.98 -23.73
C LYS A 26 -8.14 10.73 -25.21
N LYS A 27 -8.27 11.79 -26.00
CA LYS A 27 -8.19 11.72 -27.46
C LYS A 27 -6.80 12.02 -28.02
N ARG A 28 -5.97 12.74 -27.25
CA ARG A 28 -4.59 13.00 -27.65
C ARG A 28 -3.70 13.24 -26.45
N GLY A 29 -2.38 13.22 -26.70
CA GLY A 29 -1.39 13.41 -25.64
C GLY A 29 -1.14 12.14 -24.84
N PHE A 30 -0.47 12.29 -23.70
CA PHE A 30 -0.04 11.15 -22.87
C PHE A 30 -1.22 10.37 -22.31
N GLY A 31 -1.21 9.05 -22.52
CA GLY A 31 -2.31 8.19 -22.12
C GLY A 31 -3.55 8.25 -23.02
N ALA A 32 -3.40 8.77 -24.24
CA ALA A 32 -4.52 8.82 -25.20
C ALA A 32 -5.06 7.41 -25.46
N GLY A 33 -6.37 7.28 -25.53
CA GLY A 33 -7.02 5.99 -25.75
C GLY A 33 -7.44 5.27 -24.49
N ARG A 34 -7.30 5.93 -23.33
CA ARG A 34 -7.82 5.40 -22.06
C ARG A 34 -8.86 6.35 -21.45
N TRP A 35 -9.88 5.76 -20.86
CA TRP A 35 -10.82 6.49 -20.02
C TRP A 35 -10.06 6.97 -18.78
N ASN A 36 -10.37 8.18 -18.31
CA ASN A 36 -9.61 8.83 -17.25
C ASN A 36 -10.49 9.86 -16.57
N GLY A 37 -10.10 10.30 -15.38
CA GLY A 37 -10.69 11.50 -14.79
C GLY A 37 -10.20 12.73 -15.54
N PHE A 38 -10.66 13.89 -15.10
CA PHE A 38 -10.31 15.14 -15.74
C PHE A 38 -9.22 15.82 -14.93
N GLY A 39 -8.21 16.35 -15.62
CA GLY A 39 -7.11 17.05 -14.95
C GLY A 39 -5.90 17.26 -15.82
N GLY A 40 -4.81 17.68 -15.19
CA GLY A 40 -3.55 17.90 -15.88
C GLY A 40 -2.61 18.66 -14.96
N LYS A 41 -1.65 19.36 -15.57
CA LYS A 41 -0.63 20.08 -14.82
C LYS A 41 -1.19 21.31 -14.09
N VAL A 42 -0.72 21.54 -12.87
CA VAL A 42 -1.04 22.75 -12.13
C VAL A 42 -0.05 23.82 -12.62
N GLN A 43 -0.58 24.97 -12.98
CA GLN A 43 0.22 26.09 -13.48
C GLN A 43 0.73 26.98 -12.36
N GLU A 44 1.72 27.79 -12.70
CA GLU A 44 2.15 28.89 -11.84
C GLU A 44 0.99 29.87 -11.67
N GLY A 45 0.80 30.37 -10.45
CA GLY A 45 -0.23 31.39 -10.21
C GLY A 45 -1.66 30.90 -9.94
N GLU A 46 -1.85 29.58 -9.80
CA GLU A 46 -3.15 29.02 -9.39
C GLU A 46 -2.94 28.03 -8.27
N THR A 47 -3.93 27.90 -7.39
CA THR A 47 -3.93 26.81 -6.42
C THR A 47 -4.16 25.48 -7.13
N ILE A 48 -3.86 24.40 -6.42
CA ILE A 48 -4.14 23.05 -6.91
C ILE A 48 -5.64 22.93 -7.22
N GLU A 49 -6.49 23.35 -6.30
CA GLU A 49 -7.93 23.26 -6.52
C GLU A 49 -8.38 24.10 -7.72
N ASP A 50 -7.79 25.30 -7.92
CA ASP A 50 -8.08 26.15 -9.06
C ASP A 50 -7.69 25.44 -10.36
N GLY A 51 -6.52 24.81 -10.38
CA GLY A 51 -6.08 24.03 -11.56
C GLY A 51 -7.03 22.86 -11.87
N ALA A 52 -7.52 22.21 -10.83
CA ALA A 52 -8.47 21.13 -10.99
C ALA A 52 -9.78 21.64 -11.62
N ARG A 53 -10.29 22.77 -11.13
CA ARG A 53 -11.49 23.38 -11.73
C ARG A 53 -11.25 23.82 -13.15
N ARG A 54 -10.12 24.47 -13.40
CA ARG A 54 -9.72 24.90 -14.73
C ARG A 54 -9.69 23.71 -15.71
N GLU A 55 -8.98 22.63 -15.35
CA GLU A 55 -8.87 21.45 -16.23
C GLU A 55 -10.24 20.79 -16.46
N LEU A 56 -11.06 20.69 -15.42
CA LEU A 56 -12.40 20.14 -15.56
C LEU A 56 -13.21 20.96 -16.57
N GLN A 57 -13.18 22.28 -16.40
CA GLN A 57 -13.87 23.21 -17.27
C GLN A 57 -13.35 23.11 -18.72
N GLU A 58 -12.03 23.15 -18.91
CA GLU A 58 -11.45 23.04 -20.26
C GLU A 58 -11.79 21.73 -20.97
N GLU A 59 -11.82 20.62 -20.23
CA GLU A 59 -11.95 19.28 -20.79
C GLU A 59 -13.39 18.77 -20.95
N SER A 60 -14.29 19.26 -20.11
CA SER A 60 -15.69 18.80 -20.07
C SER A 60 -16.74 19.91 -20.17
N GLY A 61 -16.33 21.16 -19.97
CA GLY A 61 -17.27 22.28 -19.90
C GLY A 61 -17.92 22.51 -18.55
N LEU A 62 -17.70 21.60 -17.60
CA LEU A 62 -18.40 21.65 -16.32
C LEU A 62 -17.75 22.61 -15.35
N THR A 63 -18.58 23.19 -14.48
CA THR A 63 -18.11 23.91 -13.30
C THR A 63 -18.74 23.24 -12.09
N VAL A 64 -18.22 23.54 -10.89
CA VAL A 64 -18.66 22.86 -9.68
C VAL A 64 -18.71 23.80 -8.49
N ASP A 65 -19.65 23.53 -7.58
CA ASP A 65 -19.76 24.25 -6.32
C ASP A 65 -18.55 23.99 -5.42
N ALA A 66 -18.30 22.72 -5.13
CA ALA A 66 -17.24 22.31 -4.22
C ALA A 66 -16.54 21.08 -4.77
N LEU A 67 -15.21 21.07 -4.65
CA LEU A 67 -14.40 19.88 -4.88
C LEU A 67 -13.93 19.40 -3.53
N HIS A 68 -13.92 18.09 -3.33
CA HIS A 68 -13.43 17.49 -2.09
C HIS A 68 -12.16 16.74 -2.41
N LYS A 69 -11.14 16.95 -1.58
CA LYS A 69 -9.88 16.21 -1.68
C LYS A 69 -10.12 14.78 -1.22
N VAL A 70 -9.85 13.81 -2.09
CA VAL A 70 -10.04 12.39 -1.74
C VAL A 70 -8.78 11.53 -1.76
N GLY A 71 -7.72 11.98 -2.42
CA GLY A 71 -6.48 11.25 -2.40
C GLY A 71 -5.28 11.96 -3.00
N GLN A 72 -4.13 11.36 -2.78
CA GLN A 72 -2.88 11.75 -3.40
C GLN A 72 -2.20 10.50 -3.94
N ILE A 73 -1.76 10.57 -5.20
CA ILE A 73 -1.06 9.46 -5.82
C ILE A 73 0.22 9.99 -6.43
N VAL A 74 1.34 9.41 -6.03
CA VAL A 74 2.64 9.77 -6.56
C VAL A 74 3.03 8.72 -7.59
N PHE A 75 3.44 9.17 -8.77
CA PHE A 75 3.84 8.30 -9.86
C PHE A 75 5.32 8.48 -10.16
N GLU A 76 6.05 7.37 -10.23
CA GLU A 76 7.36 7.35 -10.87
C GLU A 76 7.19 6.65 -12.20
N PHE A 77 7.63 7.30 -13.26
CA PHE A 77 7.85 6.65 -14.55
C PHE A 77 9.36 6.49 -14.70
N VAL A 78 9.79 5.24 -14.88
CA VAL A 78 11.22 4.88 -15.04
C VAL A 78 11.84 5.75 -16.13
N GLY A 79 13.01 6.31 -15.83
CA GLY A 79 13.74 7.19 -16.76
C GLY A 79 13.30 8.64 -16.79
N GLU A 80 12.26 8.98 -16.03
CA GLU A 80 11.71 10.32 -15.95
C GLU A 80 12.14 10.88 -14.58
N PRO A 81 12.87 12.03 -14.54
CA PRO A 81 13.42 12.49 -13.26
C PRO A 81 12.40 13.02 -12.23
N GLU A 82 11.36 13.71 -12.69
CA GLU A 82 10.31 14.24 -11.81
C GLU A 82 9.31 13.16 -11.44
N LEU A 83 9.01 13.03 -10.15
CA LEU A 83 7.82 12.30 -9.69
C LEU A 83 6.58 13.12 -10.04
N MET A 84 5.47 12.44 -10.32
CA MET A 84 4.21 13.14 -10.62
C MET A 84 3.33 13.04 -9.38
N ASP A 85 2.98 14.20 -8.82
CA ASP A 85 2.23 14.24 -7.58
C ASP A 85 0.81 14.64 -7.92
N VAL A 86 -0.06 13.63 -8.03
CA VAL A 86 -1.42 13.82 -8.52
C VAL A 86 -2.34 14.01 -7.31
N HIS A 87 -3.03 15.15 -7.27
CA HIS A 87 -4.03 15.43 -6.25
C HIS A 87 -5.43 15.09 -6.78
N VAL A 88 -6.08 14.12 -6.15
CA VAL A 88 -7.34 13.56 -6.60
C VAL A 88 -8.47 14.26 -5.87
N PHE A 89 -9.50 14.63 -6.63
CA PHE A 89 -10.66 15.32 -6.10
C PHE A 89 -11.91 14.60 -6.53
N CYS A 90 -12.94 14.69 -5.69
CA CYS A 90 -14.29 14.27 -6.02
C CYS A 90 -15.27 15.42 -5.97
N THR A 91 -16.35 15.27 -6.74
CA THR A 91 -17.56 16.06 -6.55
C THR A 91 -18.78 15.22 -6.93
N ASP A 92 -19.91 15.49 -6.29
CA ASP A 92 -21.17 14.83 -6.62
C ASP A 92 -21.93 15.76 -7.55
N SER A 93 -22.27 16.96 -7.06
CA SER A 93 -23.02 17.91 -7.87
C SER A 93 -22.10 18.62 -8.87
N ILE A 94 -22.66 18.90 -10.04
CA ILE A 94 -21.96 19.62 -11.09
C ILE A 94 -22.89 20.66 -11.69
N GLN A 95 -22.29 21.65 -12.35
CA GLN A 95 -23.02 22.69 -13.05
C GLN A 95 -22.75 22.52 -14.54
N GLY A 96 -23.82 22.33 -15.31
CA GLY A 96 -23.72 22.17 -16.75
C GLY A 96 -23.84 20.73 -17.22
N THR A 97 -23.84 20.58 -18.53
CA THR A 97 -23.91 19.30 -19.19
C THR A 97 -22.51 18.98 -19.70
N PRO A 98 -22.01 17.76 -19.42
CA PRO A 98 -20.66 17.48 -19.91
C PRO A 98 -20.64 17.47 -21.44
N VAL A 99 -19.66 18.13 -22.04
CA VAL A 99 -19.54 18.16 -23.51
C VAL A 99 -18.11 17.83 -23.88
N GLU A 100 -17.94 17.34 -25.10
CA GLU A 100 -16.66 16.90 -25.61
C GLU A 100 -15.75 18.07 -25.92
N SER A 101 -14.47 17.91 -25.61
CA SER A 101 -13.44 18.89 -25.92
C SER A 101 -12.46 18.28 -26.90
N ASP A 102 -11.46 19.06 -27.33
CA ASP A 102 -10.37 18.51 -28.14
C ASP A 102 -9.66 17.36 -27.42
N GLU A 103 -9.54 17.44 -26.09
CA GLU A 103 -8.80 16.46 -25.31
C GLU A 103 -9.60 15.25 -24.85
N MET A 104 -10.88 15.44 -24.53
CA MET A 104 -11.65 14.46 -23.79
C MET A 104 -13.07 14.28 -24.35
N ARG A 105 -13.52 13.03 -24.46
CA ARG A 105 -14.89 12.68 -24.82
C ARG A 105 -15.60 12.06 -23.59
N PRO A 106 -16.45 12.85 -22.90
CA PRO A 106 -17.07 12.39 -21.65
C PRO A 106 -18.24 11.44 -21.83
N CYS A 107 -18.34 10.49 -20.90
CA CYS A 107 -19.44 9.55 -20.81
C CYS A 107 -19.66 9.16 -19.36
N TRP A 108 -20.92 8.96 -19.00
CA TRP A 108 -21.29 8.41 -17.70
C TRP A 108 -21.17 6.90 -17.73
N PHE A 109 -20.68 6.32 -16.64
CA PHE A 109 -20.63 4.87 -16.45
C PHE A 109 -21.32 4.50 -15.17
N GLN A 110 -22.15 3.45 -15.23
CA GLN A 110 -22.69 2.83 -14.03
C GLN A 110 -21.56 2.30 -13.17
N LEU A 111 -21.74 2.34 -11.85
CA LEU A 111 -20.65 1.98 -10.92
C LEU A 111 -20.19 0.52 -11.00
N ASP A 112 -21.05 -0.36 -11.53
CA ASP A 112 -20.66 -1.75 -11.80
C ASP A 112 -20.20 -2.02 -13.23
N GLN A 113 -19.99 -0.97 -14.03
CA GLN A 113 -19.53 -1.11 -15.41
C GLN A 113 -18.37 -0.14 -15.71
N ILE A 114 -17.52 0.07 -14.72
CA ILE A 114 -16.35 0.92 -14.87
C ILE A 114 -15.37 0.18 -15.78
N PRO A 115 -14.94 0.80 -16.90
CA PRO A 115 -14.14 0.08 -17.91
C PRO A 115 -12.66 -0.02 -17.55
N PHE A 116 -12.36 -0.74 -16.46
CA PHE A 116 -10.99 -0.83 -15.93
C PHE A 116 -9.98 -1.34 -16.94
N LYS A 117 -10.39 -2.22 -17.84
CA LYS A 117 -9.46 -2.73 -18.87
C LYS A 117 -9.00 -1.65 -19.85
N ASP A 118 -9.78 -0.59 -20.00
CA ASP A 118 -9.43 0.53 -20.86
C ASP A 118 -9.13 1.80 -20.05
N MET A 119 -8.62 1.62 -18.83
CA MET A 119 -8.21 2.72 -17.96
C MET A 119 -6.75 2.51 -17.54
N TRP A 120 -6.15 3.55 -16.95
CA TRP A 120 -4.82 3.40 -16.34
C TRP A 120 -4.86 2.21 -15.37
N PRO A 121 -3.84 1.32 -15.43
CA PRO A 121 -3.85 0.09 -14.59
C PRO A 121 -3.94 0.34 -13.08
N ASP A 122 -3.35 1.42 -12.62
CA ASP A 122 -3.45 1.81 -11.20
C ASP A 122 -4.88 1.99 -10.73
N ASP A 123 -5.78 2.43 -11.61
CA ASP A 123 -7.18 2.69 -11.23
C ASP A 123 -7.88 1.48 -10.60
N SER A 124 -7.57 0.28 -11.09
CA SER A 124 -8.07 -0.98 -10.49
C SER A 124 -7.80 -1.11 -8.99
N TYR A 125 -6.69 -0.52 -8.53
CA TYR A 125 -6.29 -0.60 -7.14
C TYR A 125 -6.93 0.49 -6.31
N TRP A 126 -6.97 1.72 -6.82
CA TRP A 126 -7.41 2.85 -5.98
C TRP A 126 -8.86 3.28 -6.16
N PHE A 127 -9.48 2.96 -7.30
CA PHE A 127 -10.90 3.34 -7.52
C PHE A 127 -11.87 2.80 -6.47
N PRO A 128 -11.67 1.56 -5.99
CA PRO A 128 -12.57 1.06 -4.95
C PRO A 128 -12.56 1.88 -3.68
N LEU A 129 -11.41 2.48 -3.33
CA LEU A 129 -11.35 3.38 -2.19
C LEU A 129 -12.13 4.67 -2.50
N LEU A 130 -11.96 5.18 -3.72
CA LEU A 130 -12.74 6.33 -4.20
C LEU A 130 -14.24 6.05 -4.08
N LEU A 131 -14.68 4.90 -4.57
CA LEU A 131 -16.11 4.55 -4.53
C LEU A 131 -16.64 4.35 -3.10
N GLN A 132 -15.79 3.91 -2.17
CA GLN A 132 -16.16 3.76 -0.75
C GLN A 132 -16.01 5.03 0.08
N LYS A 133 -15.63 6.16 -0.53
CA LYS A 133 -15.46 7.43 0.15
C LYS A 133 -14.36 7.39 1.21
N LYS A 134 -13.32 6.62 0.94
CA LYS A 134 -12.18 6.48 1.85
C LYS A 134 -11.07 7.31 1.27
N LYS A 135 -10.43 8.14 2.10
CA LYS A 135 -9.32 8.96 1.65
C LYS A 135 -8.07 8.10 1.59
N PHE A 136 -7.18 8.35 0.62
CA PHE A 136 -6.04 7.46 0.39
C PHE A 136 -4.76 8.15 -0.10
N HIS A 137 -3.64 7.51 0.17
CA HIS A 137 -2.35 7.88 -0.38
C HIS A 137 -1.84 6.66 -1.15
N GLY A 138 -1.45 6.90 -2.40
CA GLY A 138 -0.95 5.88 -3.29
C GLY A 138 0.41 6.25 -3.87
N TYR A 139 1.18 5.22 -4.21
CA TYR A 139 2.41 5.37 -4.94
C TYR A 139 2.45 4.26 -5.99
N PHE A 140 2.74 4.62 -7.24
CA PHE A 140 2.88 3.64 -8.32
C PHE A 140 4.12 3.94 -9.15
N LYS A 141 5.00 2.95 -9.34
CA LYS A 141 6.13 3.05 -10.23
C LYS A 141 5.79 2.28 -11.49
N PHE A 142 5.85 2.96 -12.64
CA PHE A 142 5.55 2.35 -13.94
C PHE A 142 6.83 2.21 -14.77
N GLN A 143 6.87 1.16 -15.59
CA GLN A 143 7.81 1.03 -16.70
C GLN A 143 6.95 1.24 -17.95
N GLY A 144 7.06 2.41 -18.57
CA GLY A 144 6.19 2.75 -19.69
C GLY A 144 4.77 3.02 -19.18
N GLN A 145 3.79 2.79 -20.04
CA GLN A 145 2.38 3.08 -19.72
C GLN A 145 1.56 1.87 -19.27
N ASP A 146 2.11 0.66 -19.36
CA ASP A 146 1.36 -0.59 -19.09
C ASP A 146 1.74 -1.40 -17.85
N THR A 147 2.96 -1.26 -17.37
CA THR A 147 3.52 -2.19 -16.40
C THR A 147 3.77 -1.48 -15.06
N ILE A 148 3.05 -1.90 -14.02
CA ILE A 148 3.29 -1.45 -12.65
C ILE A 148 4.37 -2.34 -12.06
N LEU A 149 5.53 -1.76 -11.74
CA LEU A 149 6.65 -2.51 -11.16
C LEU A 149 6.58 -2.59 -9.63
N ASP A 150 6.18 -1.50 -8.99
CA ASP A 150 5.98 -1.44 -7.54
C ASP A 150 4.78 -0.58 -7.25
N TYR A 151 4.18 -0.75 -6.07
CA TYR A 151 3.15 0.18 -5.62
C TYR A 151 2.86 0.06 -4.13
N THR A 152 2.39 1.15 -3.55
CA THR A 152 1.83 1.12 -2.21
C THR A 152 0.49 1.85 -2.23
N LEU A 153 -0.39 1.45 -1.32
CA LEU A 153 -1.70 2.08 -1.15
C LEU A 153 -2.14 1.96 0.29
N ARG A 154 -2.52 3.08 0.91
CA ARG A 154 -3.05 3.05 2.27
C ARG A 154 -4.15 4.10 2.44
N GLU A 155 -4.98 3.90 3.45
CA GLU A 155 -6.03 4.84 3.81
C GLU A 155 -5.42 5.88 4.75
N VAL A 156 -5.86 7.12 4.62
CA VAL A 156 -5.36 8.22 5.42
C VAL A 156 -6.51 8.97 6.08
N ASP A 157 -6.20 9.66 7.19
CA ASP A 157 -7.15 10.58 7.83
C ASP A 157 -7.16 11.94 7.15
N THR A 158 -5.97 12.43 6.76
CA THR A 158 -5.80 13.71 6.07
C THR A 158 -5.12 13.46 4.73
N VAL A 159 -5.67 14.05 3.66
CA VAL A 159 -5.15 13.86 2.30
C VAL A 159 -3.94 14.77 2.09
N ALA B 6 3.25 -22.85 -6.21
CA ALA B 6 3.07 -23.28 -4.78
C ALA B 6 3.80 -22.36 -3.81
N SER B 7 3.51 -22.53 -2.53
CA SER B 7 4.12 -21.72 -1.48
C SER B 7 4.20 -22.45 -0.14
N ARG B 8 5.10 -21.96 0.71
CA ARG B 8 5.31 -22.50 2.04
C ARG B 8 4.82 -21.48 3.08
N LEU B 9 4.04 -21.95 4.04
CA LEU B 9 3.55 -21.12 5.13
C LEU B 9 4.60 -20.84 6.21
N TYR B 10 4.72 -19.58 6.60
CA TYR B 10 5.55 -19.14 7.73
C TYR B 10 4.74 -18.22 8.64
N THR B 11 5.26 -18.01 9.85
CA THR B 11 4.68 -17.08 10.82
C THR B 11 5.72 -16.05 11.23
N LEU B 12 5.21 -14.89 11.63
CA LEU B 12 6.04 -13.84 12.19
C LEU B 12 5.23 -13.11 13.24
N VAL B 13 5.77 -13.02 14.44
CA VAL B 13 5.04 -12.49 15.60
C VAL B 13 5.77 -11.27 16.15
N LEU B 14 5.04 -10.17 16.25
CA LEU B 14 5.59 -8.94 16.84
C LEU B 14 4.85 -8.65 18.14
N VAL B 15 5.60 -8.57 19.23
CA VAL B 15 5.02 -8.16 20.52
C VAL B 15 5.15 -6.64 20.53
N LEU B 16 4.02 -5.95 20.37
CA LEU B 16 4.01 -4.50 20.20
C LEU B 16 3.27 -3.86 21.36
N GLN B 17 4.03 -3.19 22.22
CA GLN B 17 3.49 -2.43 23.35
C GLN B 17 3.49 -0.93 23.02
N PRO B 18 2.75 -0.11 23.81
CA PRO B 18 2.71 1.35 23.61
C PRO B 18 4.06 2.08 23.42
N GLN B 19 5.05 1.76 24.24
CA GLN B 19 6.38 2.41 24.15
C GLN B 19 7.49 1.56 23.54
N ARG B 20 7.22 0.27 23.26
CA ARG B 20 8.30 -0.65 22.82
C ARG B 20 7.81 -1.87 22.01
N VAL B 21 8.76 -2.49 21.33
CA VAL B 21 8.49 -3.67 20.51
C VAL B 21 9.56 -4.71 20.82
N LEU B 22 9.13 -5.95 21.05
CA LEU B 22 10.08 -7.04 21.32
C LEU B 22 10.59 -7.61 20.00
N LEU B 23 11.91 -7.66 19.85
CA LEU B 23 12.53 -8.32 18.71
C LEU B 23 13.48 -9.36 19.25
N GLY B 24 13.93 -10.24 18.37
CA GLY B 24 14.85 -11.31 18.71
C GLY B 24 16.02 -11.30 17.76
N MET B 25 17.23 -11.38 18.31
CA MET B 25 18.44 -11.49 17.52
C MET B 25 18.60 -12.95 17.19
N LYS B 26 18.54 -13.28 15.91
CA LYS B 26 18.63 -14.66 15.46
C LYS B 26 20.09 -15.09 15.51
N LYS B 27 20.34 -16.18 16.24
CA LYS B 27 21.69 -16.70 16.50
C LYS B 27 22.19 -17.74 15.49
N ARG B 28 21.27 -18.41 14.80
CA ARG B 28 21.59 -19.51 13.87
C ARG B 28 20.64 -19.48 12.67
N GLY B 29 21.05 -20.14 11.59
CA GLY B 29 20.20 -20.35 10.42
C GLY B 29 20.05 -19.14 9.52
N PHE B 30 19.01 -19.18 8.69
CA PHE B 30 18.76 -18.17 7.65
C PHE B 30 18.46 -16.80 8.25
N GLY B 31 19.19 -15.78 7.80
CA GLY B 31 19.06 -14.42 8.35
C GLY B 31 19.58 -14.29 9.77
N ALA B 32 20.58 -15.11 10.13
CA ALA B 32 21.28 -14.96 11.40
C ALA B 32 22.10 -13.68 11.35
N GLY B 33 22.10 -12.93 12.45
CA GLY B 33 22.74 -11.61 12.51
C GLY B 33 21.75 -10.46 12.52
N ARG B 34 20.51 -10.72 12.10
CA ARG B 34 19.48 -9.68 12.04
C ARG B 34 18.49 -9.80 13.17
N TRP B 35 18.06 -8.65 13.68
CA TRP B 35 16.91 -8.57 14.58
C TRP B 35 15.65 -8.88 13.79
N ASN B 36 14.68 -9.49 14.45
CA ASN B 36 13.53 -10.10 13.76
C ASN B 36 12.40 -10.33 14.73
N GLY B 37 11.21 -10.54 14.16
CA GLY B 37 10.08 -11.03 14.92
C GLY B 37 10.31 -12.52 15.16
N PHE B 38 9.43 -13.11 15.94
CA PHE B 38 9.49 -14.53 16.27
C PHE B 38 8.60 -15.34 15.33
N GLY B 39 9.08 -16.49 14.89
CA GLY B 39 8.29 -17.38 14.04
C GLY B 39 9.14 -18.39 13.30
N GLY B 40 8.55 -18.96 12.25
CA GLY B 40 9.22 -19.94 11.42
C GLY B 40 8.21 -20.70 10.59
N LYS B 41 8.58 -21.91 10.19
CA LYS B 41 7.70 -22.78 9.38
C LYS B 41 6.46 -23.23 10.15
N VAL B 42 5.35 -23.34 9.41
CA VAL B 42 4.14 -23.94 9.94
C VAL B 42 4.24 -25.43 9.65
N GLN B 43 3.95 -26.23 10.66
CA GLN B 43 4.01 -27.68 10.55
C GLN B 43 2.68 -28.30 10.11
N GLU B 44 2.78 -29.48 9.51
CA GLU B 44 1.61 -30.33 9.22
C GLU B 44 0.91 -30.70 10.53
N GLY B 45 -0.40 -30.54 10.59
CA GLY B 45 -1.16 -30.85 11.80
C GLY B 45 -1.41 -29.71 12.78
N GLU B 46 -0.90 -28.49 12.50
CA GLU B 46 -1.17 -27.30 13.34
C GLU B 46 -1.75 -26.19 12.46
N THR B 47 -2.63 -25.36 13.03
CA THR B 47 -3.07 -24.14 12.37
C THR B 47 -1.94 -23.14 12.30
N ILE B 48 -2.10 -22.13 11.44
CA ILE B 48 -1.11 -21.06 11.30
C ILE B 48 -0.91 -20.35 12.64
N GLU B 49 -1.99 -20.00 13.32
CA GLU B 49 -1.86 -19.31 14.62
C GLU B 49 -1.20 -20.18 15.69
N ASP B 50 -1.54 -21.48 15.72
CA ASP B 50 -0.85 -22.47 16.58
C ASP B 50 0.65 -22.47 16.34
N GLY B 51 1.04 -22.51 15.07
CA GLY B 51 2.46 -22.47 14.71
C GLY B 51 3.17 -21.21 15.16
N ALA B 52 2.46 -20.08 15.09
CA ALA B 52 3.00 -18.80 15.57
C ALA B 52 3.24 -18.83 17.09
N ARG B 53 2.23 -19.32 17.81
CA ARG B 53 2.32 -19.46 19.27
C ARG B 53 3.43 -20.41 19.66
N ARG B 54 3.50 -21.56 19.00
CA ARG B 54 4.55 -22.55 19.23
C ARG B 54 5.93 -21.91 19.06
N GLU B 55 6.15 -21.26 17.91
CA GLU B 55 7.45 -20.62 17.65
C GLU B 55 7.81 -19.50 18.64
N LEU B 56 6.81 -18.73 19.07
CA LEU B 56 6.99 -17.68 20.08
C LEU B 56 7.50 -18.29 21.39
N GLN B 57 6.79 -19.32 21.86
CA GLN B 57 7.18 -20.06 23.06
C GLN B 57 8.58 -20.64 22.93
N GLU B 58 8.86 -21.33 21.83
CA GLU B 58 10.19 -21.91 21.58
C GLU B 58 11.33 -20.89 21.59
N GLU B 59 11.08 -19.71 21.03
CA GLU B 59 12.15 -18.72 20.84
C GLU B 59 12.28 -17.71 21.96
N SER B 60 11.20 -17.47 22.70
CA SER B 60 11.18 -16.43 23.75
C SER B 60 10.70 -16.90 25.12
N GLY B 61 10.10 -18.10 25.21
CA GLY B 61 9.40 -18.56 26.40
C GLY B 61 7.99 -18.04 26.59
N LEU B 62 7.59 -17.01 25.84
CA LEU B 62 6.30 -16.34 26.07
C LEU B 62 5.11 -17.12 25.55
N THR B 63 4.00 -17.02 26.28
CA THR B 63 2.68 -17.38 25.75
C THR B 63 1.81 -16.14 25.83
N VAL B 64 0.70 -16.18 25.10
CA VAL B 64 -0.19 -15.05 24.97
C VAL B 64 -1.64 -15.47 25.08
N ASP B 65 -2.48 -14.53 25.47
CA ASP B 65 -3.92 -14.74 25.51
C ASP B 65 -4.45 -14.77 24.10
N ALA B 66 -4.15 -13.73 23.34
CA ALA B 66 -4.63 -13.59 21.97
C ALA B 66 -3.50 -13.15 21.05
N LEU B 67 -3.50 -13.71 19.84
CA LEU B 67 -2.66 -13.21 18.75
C LEU B 67 -3.60 -12.63 17.72
N HIS B 68 -3.31 -11.42 17.26
CA HIS B 68 -4.13 -10.75 16.26
C HIS B 68 -3.47 -10.88 14.89
N LYS B 69 -4.26 -11.25 13.87
CA LYS B 69 -3.79 -11.27 12.49
C LYS B 69 -3.68 -9.85 12.00
N VAL B 70 -2.48 -9.45 11.60
CA VAL B 70 -2.26 -8.11 11.07
C VAL B 70 -1.81 -8.06 9.62
N GLY B 71 -1.17 -9.11 9.12
CA GLY B 71 -0.73 -9.06 7.74
C GLY B 71 -0.36 -10.36 7.11
N GLN B 72 -0.18 -10.29 5.79
CA GLN B 72 0.37 -11.37 5.01
C GLN B 72 1.43 -10.75 4.09
N ILE B 73 2.63 -11.32 4.09
CA ILE B 73 3.69 -10.85 3.18
C ILE B 73 4.17 -12.06 2.40
N VAL B 74 4.11 -11.99 1.08
CA VAL B 74 4.61 -13.06 0.23
C VAL B 74 6.02 -12.63 -0.16
N PHE B 75 6.99 -13.52 0.03
CA PHE B 75 8.38 -13.30 -0.36
C PHE B 75 8.75 -14.22 -1.51
N GLU B 76 9.35 -13.65 -2.54
CA GLU B 76 9.93 -14.42 -3.62
C GLU B 76 11.44 -14.14 -3.57
N PHE B 77 12.23 -15.21 -3.41
CA PHE B 77 13.69 -15.12 -3.50
C PHE B 77 14.14 -15.69 -4.83
N VAL B 78 14.90 -14.91 -5.60
CA VAL B 78 15.50 -15.36 -6.85
C VAL B 78 16.29 -16.65 -6.59
N GLY B 79 16.08 -17.65 -7.44
CA GLY B 79 16.84 -18.89 -7.39
C GLY B 79 16.33 -19.98 -6.45
N GLU B 80 15.11 -19.82 -5.93
CA GLU B 80 14.43 -20.93 -5.27
C GLU B 80 12.96 -20.86 -5.67
N PRO B 81 12.37 -22.03 -6.04
CA PRO B 81 11.09 -22.03 -6.73
C PRO B 81 9.89 -21.62 -5.87
N GLU B 82 9.90 -22.01 -4.59
CA GLU B 82 8.73 -21.85 -3.74
C GLU B 82 8.65 -20.43 -3.16
N LEU B 83 7.46 -19.83 -3.23
CA LEU B 83 7.17 -18.57 -2.55
C LEU B 83 7.04 -18.82 -1.06
N MET B 84 7.44 -17.83 -0.26
CA MET B 84 7.31 -17.89 1.21
C MET B 84 6.13 -17.00 1.61
N ASP B 85 5.11 -17.61 2.17
CA ASP B 85 3.87 -16.93 2.51
C ASP B 85 3.88 -16.69 4.02
N VAL B 86 4.23 -15.48 4.44
CA VAL B 86 4.39 -15.14 5.87
C VAL B 86 3.13 -14.51 6.45
N HIS B 87 2.57 -15.14 7.48
CA HIS B 87 1.41 -14.61 8.20
C HIS B 87 1.93 -13.90 9.44
N VAL B 88 1.66 -12.59 9.50
CA VAL B 88 2.20 -11.70 10.50
C VAL B 88 1.12 -11.54 11.58
N PHE B 89 1.56 -11.65 12.84
CA PHE B 89 0.68 -11.53 13.98
C PHE B 89 1.22 -10.49 14.94
N CYS B 90 0.32 -9.86 15.70
N CYS B 90 0.30 -9.94 15.74
CA CYS B 90 0.73 -8.93 16.75
CA CYS B 90 0.61 -8.92 16.72
C CYS B 90 -0.02 -9.20 18.05
C CYS B 90 -0.04 -9.23 18.06
N THR B 91 0.65 -8.88 19.15
CA THR B 91 0.08 -8.98 20.49
C THR B 91 0.70 -7.90 21.36
N ASP B 92 -0.10 -7.34 22.25
CA ASP B 92 0.36 -6.33 23.20
C ASP B 92 0.60 -7.01 24.53
N SER B 93 -0.47 -7.55 25.14
CA SER B 93 -0.34 -8.28 26.42
C SER B 93 0.35 -9.61 26.19
N ILE B 94 1.23 -9.97 27.12
CA ILE B 94 1.94 -11.26 27.09
C ILE B 94 1.88 -11.92 28.47
N GLN B 95 2.15 -13.23 28.50
CA GLN B 95 2.18 -14.01 29.74
C GLN B 95 3.63 -14.39 30.00
N GLY B 96 4.14 -13.95 31.14
CA GLY B 96 5.53 -14.19 31.55
C GLY B 96 6.48 -13.14 31.02
N THR B 97 7.77 -13.42 31.19
CA THR B 97 8.85 -12.52 30.85
C THR B 97 9.70 -13.21 29.79
N PRO B 98 10.12 -12.48 28.74
CA PRO B 98 10.90 -13.13 27.70
C PRO B 98 12.29 -13.51 28.15
N VAL B 99 12.77 -14.65 27.67
CA VAL B 99 14.08 -15.19 28.03
C VAL B 99 14.77 -15.74 26.79
N GLU B 100 16.08 -15.87 26.87
CA GLU B 100 16.91 -16.32 25.76
C GLU B 100 16.71 -17.79 25.49
N SER B 101 16.89 -18.18 24.23
CA SER B 101 16.82 -19.57 23.79
C SER B 101 17.94 -19.83 22.78
N ASP B 102 18.00 -21.06 22.28
CA ASP B 102 18.99 -21.44 21.26
C ASP B 102 18.87 -20.62 19.97
N GLU B 103 17.64 -20.39 19.54
CA GLU B 103 17.37 -19.68 18.30
C GLU B 103 17.54 -18.16 18.44
N MET B 104 16.97 -17.58 19.51
CA MET B 104 16.80 -16.11 19.63
C MET B 104 17.16 -15.53 21.01
N ARG B 105 17.79 -14.35 20.99
CA ARG B 105 17.97 -13.52 22.17
C ARG B 105 16.93 -12.41 22.08
N PRO B 106 15.87 -12.46 22.92
CA PRO B 106 14.91 -11.36 22.89
C PRO B 106 15.48 -10.07 23.49
N CYS B 107 14.98 -8.93 23.01
CA CYS B 107 15.39 -7.62 23.50
C CYS B 107 14.32 -6.58 23.17
N TRP B 108 13.89 -5.82 24.17
CA TRP B 108 12.96 -4.72 23.96
C TRP B 108 13.69 -3.55 23.30
N PHE B 109 13.01 -2.91 22.35
CA PHE B 109 13.50 -1.68 21.71
C PHE B 109 12.43 -0.62 21.83
N GLN B 110 12.84 0.58 22.23
CA GLN B 110 11.97 1.76 22.19
C GLN B 110 11.50 1.97 20.75
N LEU B 111 10.26 2.41 20.58
CA LEU B 111 9.70 2.58 19.23
C LEU B 111 10.47 3.58 18.35
N ASP B 112 11.13 4.56 18.97
CA ASP B 112 12.02 5.48 18.23
C ASP B 112 13.44 4.96 18.00
N GLN B 113 13.77 3.74 18.43
CA GLN B 113 15.10 3.16 18.25
C GLN B 113 15.06 1.77 17.60
N ILE B 114 14.08 1.53 16.73
CA ILE B 114 13.93 0.24 16.04
C ILE B 114 15.14 0.07 15.10
N PRO B 115 15.92 -1.02 15.26
CA PRO B 115 17.19 -1.13 14.53
C PRO B 115 17.06 -1.59 13.08
N PHE B 116 16.36 -0.79 12.24
CA PHE B 116 16.08 -1.16 10.84
C PHE B 116 17.31 -1.54 10.00
N LYS B 117 18.43 -0.91 10.31
CA LYS B 117 19.70 -1.18 9.62
C LYS B 117 20.21 -2.62 9.84
N ASP B 118 19.88 -3.22 10.99
N ASP B 118 19.89 -3.21 11.00
CA ASP B 118 20.19 -4.63 11.27
CA ASP B 118 20.19 -4.62 11.28
C ASP B 118 18.90 -5.46 11.35
C ASP B 118 18.91 -5.46 11.34
N MET B 119 17.98 -5.17 10.43
CA MET B 119 16.74 -5.94 10.27
C MET B 119 16.61 -6.24 8.79
N TRP B 120 15.75 -7.19 8.46
CA TRP B 120 15.39 -7.44 7.07
C TRP B 120 14.93 -6.12 6.40
N PRO B 121 15.49 -5.78 5.21
CA PRO B 121 15.18 -4.48 4.61
C PRO B 121 13.71 -4.21 4.28
N ASP B 122 12.90 -5.26 4.09
CA ASP B 122 11.44 -5.08 3.94
C ASP B 122 10.79 -4.41 5.16
N ASP B 123 11.37 -4.60 6.35
CA ASP B 123 10.75 -4.12 7.59
C ASP B 123 10.53 -2.61 7.63
N SER B 124 11.47 -1.85 7.06
CA SER B 124 11.31 -0.38 6.97
C SER B 124 10.10 0.05 6.13
N TYR B 125 9.70 -0.79 5.18
CA TYR B 125 8.50 -0.53 4.37
C TYR B 125 7.18 -0.77 5.10
N TRP B 126 7.07 -1.89 5.82
CA TRP B 126 5.77 -2.32 6.38
C TRP B 126 5.57 -2.04 7.87
N PHE B 127 6.66 -1.80 8.59
CA PHE B 127 6.56 -1.40 10.01
C PHE B 127 5.66 -0.19 10.26
N PRO B 128 5.70 0.84 9.38
CA PRO B 128 4.80 1.97 9.64
C PRO B 128 3.31 1.59 9.72
N LEU B 129 2.86 0.71 8.83
CA LEU B 129 1.49 0.18 8.91
C LEU B 129 1.26 -0.61 10.21
N LEU B 130 2.22 -1.46 10.57
CA LEU B 130 2.18 -2.20 11.84
C LEU B 130 2.01 -1.27 13.04
N LEU B 131 2.84 -0.24 13.13
CA LEU B 131 2.80 0.71 14.25
C LEU B 131 1.53 1.57 14.29
N GLN B 132 0.91 1.80 13.13
CA GLN B 132 -0.40 2.48 13.07
C GLN B 132 -1.59 1.54 13.35
N LYS B 133 -1.32 0.27 13.70
CA LYS B 133 -2.33 -0.78 13.87
C LYS B 133 -3.21 -1.00 12.64
N LYS B 134 -2.57 -0.98 11.47
N LYS B 134 -2.58 -0.95 11.46
CA LYS B 134 -3.27 -1.24 10.21
CA LYS B 134 -3.25 -1.22 10.20
C LYS B 134 -2.94 -2.64 9.76
C LYS B 134 -2.94 -2.64 9.76
N LYS B 135 -3.85 -3.22 8.99
CA LYS B 135 -3.67 -4.53 8.41
C LYS B 135 -3.16 -4.36 6.99
N PHE B 136 -2.44 -5.35 6.47
CA PHE B 136 -1.77 -5.19 5.19
C PHE B 136 -1.46 -6.50 4.46
N HIS B 137 -1.39 -6.41 3.13
CA HIS B 137 -0.87 -7.46 2.26
C HIS B 137 0.37 -6.89 1.60
N GLY B 138 1.47 -7.61 1.70
CA GLY B 138 2.74 -7.19 1.12
C GLY B 138 3.27 -8.24 0.18
N TYR B 139 4.15 -7.83 -0.72
CA TYR B 139 4.91 -8.72 -1.58
C TYR B 139 6.29 -8.14 -1.79
N PHE B 140 7.34 -8.95 -1.60
CA PHE B 140 8.72 -8.51 -1.82
C PHE B 140 9.45 -9.54 -2.64
N LYS B 141 10.06 -9.07 -3.73
CA LYS B 141 10.94 -9.91 -4.54
C LYS B 141 12.37 -9.55 -4.18
N PHE B 142 13.11 -10.52 -3.61
CA PHE B 142 14.49 -10.33 -3.18
C PHE B 142 15.48 -10.99 -4.16
N GLN B 143 16.66 -10.37 -4.31
CA GLN B 143 17.84 -11.03 -4.88
C GLN B 143 18.83 -11.19 -3.74
N GLY B 144 18.97 -12.41 -3.23
CA GLY B 144 19.79 -12.66 -2.04
C GLY B 144 19.10 -12.06 -0.83
N GLN B 145 19.86 -11.71 0.19
CA GLN B 145 19.29 -11.25 1.46
C GLN B 145 19.22 -9.74 1.64
N ASP B 146 19.91 -8.97 0.80
CA ASP B 146 19.96 -7.51 0.98
C ASP B 146 19.15 -6.70 -0.03
N THR B 147 18.84 -7.27 -1.19
CA THR B 147 18.37 -6.50 -2.34
C THR B 147 16.91 -6.77 -2.69
N ILE B 148 16.04 -5.79 -2.44
CA ILE B 148 14.66 -5.84 -2.92
C ILE B 148 14.61 -5.35 -4.37
N LEU B 149 14.23 -6.23 -5.29
CA LEU B 149 14.09 -5.87 -6.71
C LEU B 149 12.78 -5.16 -7.00
N ASP B 150 11.69 -5.65 -6.42
CA ASP B 150 10.42 -4.95 -6.46
C ASP B 150 9.52 -5.37 -5.31
N TYR B 151 8.45 -4.60 -5.09
CA TYR B 151 7.54 -4.90 -4.00
C TYR B 151 6.17 -4.25 -4.19
N THR B 152 5.21 -4.73 -3.44
CA THR B 152 3.91 -4.08 -3.29
C THR B 152 3.51 -4.10 -1.82
N LEU B 153 2.72 -3.11 -1.41
CA LEU B 153 2.22 -3.07 -0.05
C LEU B 153 0.91 -2.31 -0.01
N ARG B 154 -0.13 -2.99 0.42
CA ARG B 154 -1.48 -2.45 0.37
C ARG B 154 -2.15 -2.61 1.72
N GLU B 155 -2.67 -1.53 2.28
CA GLU B 155 -3.55 -1.63 3.45
C GLU B 155 -4.82 -2.40 3.05
N VAL B 156 -5.21 -3.34 3.92
CA VAL B 156 -6.40 -4.17 3.71
C VAL B 156 -7.30 -4.14 4.93
N ASP B 157 -8.54 -4.55 4.75
CA ASP B 157 -9.44 -4.78 5.87
C ASP B 157 -9.61 -6.26 6.25
N THR B 158 -9.32 -7.17 5.31
CA THR B 158 -9.33 -8.61 5.57
C THR B 158 -7.95 -9.21 5.30
N VAL B 159 -7.29 -9.71 6.34
CA VAL B 159 -5.96 -10.34 6.16
C VAL B 159 -6.11 -11.68 5.43
#